data_9FM3
#
_entry.id   9FM3
#
_cell.length_a   114.164
_cell.length_b   114.164
_cell.length_c   91.399
_cell.angle_alpha   90.000
_cell.angle_beta   90.000
_cell.angle_gamma   120.000
#
_symmetry.space_group_name_H-M   'P 31 2 1'
#
loop_
_entity.id
_entity.type
_entity.pdbx_description
1 polymer 'DNA polymerase I, thermostable'
2 polymer 'Primer with terminal DOC'
3 polymer 'DNA template'
4 non-polymer '[[(2~{R},3~{S},5~{R})-5-[2,4-bis(oxidanylidene)-5-selenophen-2-yl-pyrimidin-1-yl]-3-oxidanyl-oxolan-2-yl]methoxy-oxidanyl-phosphoryl] phosphono hydrogen phosphate'
5 non-polymer 'MAGNESIUM ION'
6 non-polymer "2',3'-DIDEOXYCYTIDINE-5'-MONOPHOSPHATE"
7 water water
#
loop_
_entity_poly.entity_id
_entity_poly.type
_entity_poly.pdbx_seq_one_letter_code
_entity_poly.pdbx_strand_id
1 'polypeptide(L)'
;ALEEAPWPPPEGAFVGFVLSRKEPMWADLLALAAARGGRVHRAPEPYKALRDLKEARGLLAKDLSVLALREGLGLPPGDD
PMLLAYLLDPSNTTPEGVARRYGGEWTEEAGERAALSERLFANLWGRLEGEERLLWLYREVERPLSAVLAHMEATGVRLD
VAYLRALSLEVAEEIARLEAEVFRLAGHPFNLNSRDQLERVLFDELGLPAIGKTEKTGKRSTSAAVLEALREAHPIVEKI
LQYRELTKLKSTYIDPLPDLIHPRTGRLHTRFNQTATATGRLSSSDPNLQNIPVRTPLGQRIRRAFIAEEGWLLVALDYS
QIELRVLAHLSGDENLIRVFQEGRDIHTETASWMFGVPREAVDPLMRRAAKTINFGVLYGMSAHRLSQELAIPYEEAQAF
IERYFQSFPKVRAWIEKTLEEGRRRGYVETLFGRRRYVPDLEARVKSVREAAERMAFNMPVQGTAADLMKLAMVKLFPRL
EEMGARMLLQVHDELVLEAPKERAEAVARLAKEVMEGVYPLAVPLEVEVGIGEDWLSAKE
;
A
2 'polydeoxyribonucleotide' (DG)(DA)(DC)(DC)(DA)(DC)(DG)(DG)(DC)(DC)(DA) B
3 'polydeoxyribonucleotide' (DA)(DA)(DC)(DA)(DG)(DT)(DG)(DG)(DC)(DC)(DG)(DT)(DG)(DG)(DT)(DC) C
#
# COMPACT_ATOMS: atom_id res chain seq x y z
N ALA A 1 -28.38 -30.09 7.59
CA ALA A 1 -27.19 -30.79 8.08
C ALA A 1 -26.69 -30.14 9.37
N LEU A 2 -27.13 -28.91 9.61
CA LEU A 2 -26.72 -28.13 10.77
C LEU A 2 -27.94 -27.67 11.55
N GLU A 3 -27.83 -27.70 12.88
CA GLU A 3 -28.97 -27.37 13.73
C GLU A 3 -29.27 -25.88 13.65
N GLU A 4 -30.56 -25.54 13.59
CA GLU A 4 -30.96 -24.13 13.47
C GLU A 4 -31.55 -23.63 14.78
N ALA A 5 -30.65 -23.50 15.76
CA ALA A 5 -31.04 -22.89 17.03
C ALA A 5 -31.26 -21.40 16.82
N PRO A 6 -32.22 -20.81 17.51
CA PRO A 6 -32.59 -19.42 17.26
C PRO A 6 -31.63 -18.43 17.91
N TRP A 7 -31.61 -17.23 17.34
CA TRP A 7 -30.89 -16.11 17.92
C TRP A 7 -31.48 -15.85 19.30
N PRO A 8 -30.68 -15.50 20.31
CA PRO A 8 -29.24 -15.20 20.27
C PRO A 8 -28.33 -16.41 20.18
N PRO A 9 -27.12 -16.21 19.65
CA PRO A 9 -26.18 -17.31 19.51
C PRO A 9 -25.34 -17.46 20.76
N PRO A 10 -24.60 -18.55 20.89
CA PRO A 10 -23.72 -18.68 22.07
C PRO A 10 -22.54 -17.74 22.02
N GLU A 11 -21.63 -17.88 22.99
CA GLU A 11 -20.43 -17.06 23.04
C GLU A 11 -19.34 -17.73 22.23
N GLY A 12 -18.35 -16.93 21.82
CA GLY A 12 -17.26 -17.39 20.97
C GLY A 12 -17.70 -17.96 19.66
N ALA A 13 -18.92 -17.63 19.20
CA ALA A 13 -19.41 -18.13 17.93
C ALA A 13 -18.76 -17.43 16.74
N PHE A 14 -18.86 -18.07 15.57
CA PHE A 14 -18.32 -17.52 14.34
C PHE A 14 -19.44 -16.85 13.55
N VAL A 15 -19.19 -15.63 13.08
CA VAL A 15 -20.23 -14.81 12.46
C VAL A 15 -20.23 -15.03 10.96
N GLY A 16 -21.40 -14.84 10.36
CA GLY A 16 -21.56 -14.86 8.92
C GLY A 16 -22.52 -13.76 8.49
N PHE A 17 -22.11 -12.93 7.54
CA PHE A 17 -22.88 -11.75 7.18
C PHE A 17 -22.86 -11.56 5.66
N VAL A 18 -23.83 -10.80 5.18
CA VAL A 18 -23.94 -10.47 3.76
C VAL A 18 -24.11 -8.96 3.65
N LEU A 19 -23.26 -8.33 2.83
CA LEU A 19 -23.32 -6.91 2.58
C LEU A 19 -23.94 -6.64 1.21
N SER A 20 -24.56 -5.46 1.08
CA SER A 20 -25.11 -5.06 -0.21
C SER A 20 -24.00 -4.73 -1.20
N ARG A 21 -22.84 -4.30 -0.71
CA ARG A 21 -21.69 -3.98 -1.54
C ARG A 21 -20.43 -4.25 -0.74
N LYS A 22 -19.29 -4.25 -1.43
CA LYS A 22 -18.03 -4.64 -0.80
C LYS A 22 -17.56 -3.63 0.26
N GLU A 23 -17.93 -2.35 0.12
CA GLU A 23 -17.49 -1.32 1.05
C GLU A 23 -18.31 -1.36 2.34
N PRO A 24 -17.71 -1.75 3.47
CA PRO A 24 -18.48 -1.79 4.72
C PRO A 24 -19.04 -0.45 5.13
N MET A 25 -18.37 0.67 4.83
CA MET A 25 -18.90 1.97 5.19
C MET A 25 -20.14 2.32 4.36
N TRP A 26 -20.25 1.78 3.16
CA TRP A 26 -21.39 2.09 2.30
C TRP A 26 -22.37 0.94 2.20
N ALA A 27 -22.13 -0.17 2.90
CA ALA A 27 -22.90 -1.39 2.71
C ALA A 27 -24.16 -1.41 3.57
N ASP A 28 -25.19 -2.04 3.04
CA ASP A 28 -26.41 -2.33 3.78
C ASP A 28 -26.33 -3.76 4.29
N LEU A 29 -26.38 -3.92 5.61
CA LEU A 29 -26.32 -5.25 6.22
C LEU A 29 -27.59 -6.02 5.87
N LEU A 30 -27.47 -7.00 4.99
CA LEU A 30 -28.63 -7.72 4.46
C LEU A 30 -28.97 -8.96 5.29
N ALA A 31 -27.98 -9.66 5.82
CA ALA A 31 -28.24 -10.88 6.58
C ALA A 31 -27.12 -11.10 7.59
N LEU A 32 -27.48 -11.68 8.72
CA LEU A 32 -26.53 -11.92 9.80
C LEU A 32 -26.77 -13.31 10.35
N ALA A 33 -25.69 -14.01 10.70
CA ALA A 33 -25.82 -15.35 11.23
C ALA A 33 -24.57 -15.69 12.04
N ALA A 34 -24.71 -16.72 12.87
CA ALA A 34 -23.62 -17.18 13.73
C ALA A 34 -23.61 -18.70 13.76
N ALA A 35 -22.44 -19.25 14.09
CA ALA A 35 -22.25 -20.70 14.05
C ALA A 35 -21.28 -21.10 15.15
N ARG A 36 -21.61 -22.21 15.83
CA ARG A 36 -20.73 -22.84 16.79
C ARG A 36 -21.25 -24.24 17.07
N GLY A 37 -20.34 -25.20 17.06
CA GLY A 37 -20.76 -26.57 17.33
C GLY A 37 -21.75 -27.08 16.31
N GLY A 38 -21.65 -26.61 15.08
CA GLY A 38 -22.54 -27.18 14.11
C GLY A 38 -23.76 -26.30 13.98
N ARG A 39 -24.24 -25.79 15.12
CA ARG A 39 -25.44 -24.97 15.13
C ARG A 39 -25.23 -23.69 14.35
N VAL A 40 -26.28 -23.27 13.65
CA VAL A 40 -26.28 -22.02 12.91
C VAL A 40 -27.49 -21.19 13.36
N HIS A 41 -27.22 -19.99 13.86
CA HIS A 41 -28.25 -19.08 14.35
C HIS A 41 -28.43 -17.95 13.35
N ARG A 42 -29.64 -17.83 12.80
CA ARG A 42 -29.93 -16.84 11.78
C ARG A 42 -30.71 -15.67 12.37
N ALA A 43 -30.20 -14.47 12.16
CA ALA A 43 -30.79 -13.30 12.78
C ALA A 43 -32.12 -12.96 12.12
N PRO A 44 -33.14 -12.66 12.89
CA PRO A 44 -34.41 -12.18 12.30
C PRO A 44 -34.26 -10.82 11.65
N GLU A 45 -33.69 -9.87 12.40
CA GLU A 45 -33.41 -8.53 11.90
C GLU A 45 -31.92 -8.26 12.04
N PRO A 46 -31.18 -8.09 10.94
CA PRO A 46 -29.71 -7.99 11.05
C PRO A 46 -29.23 -6.82 11.90
N TYR A 47 -29.85 -5.64 11.75
CA TYR A 47 -29.38 -4.47 12.50
C TYR A 47 -29.72 -4.59 13.98
N LYS A 48 -30.86 -5.20 14.30
CA LYS A 48 -31.20 -5.40 15.71
C LYS A 48 -30.33 -6.47 16.33
N ALA A 49 -30.11 -7.58 15.62
CA ALA A 49 -29.32 -8.67 16.18
C ALA A 49 -27.83 -8.33 16.20
N LEU A 50 -27.40 -7.32 15.45
CA LEU A 50 -25.99 -6.95 15.47
C LEU A 50 -25.56 -6.46 16.85
N ARG A 51 -26.50 -5.92 17.63
CA ARG A 51 -26.24 -5.50 19.00
C ARG A 51 -26.10 -6.67 19.97
N ASP A 52 -26.57 -7.86 19.59
CA ASP A 52 -26.44 -9.01 20.48
C ASP A 52 -25.03 -9.56 20.50
N LEU A 53 -24.22 -9.26 19.48
CA LEU A 53 -22.88 -9.79 19.40
C LEU A 53 -21.91 -8.97 20.23
N LYS A 54 -20.93 -9.64 20.82
CA LYS A 54 -19.92 -8.99 21.62
C LYS A 54 -18.53 -9.08 21.01
N GLU A 55 -18.36 -9.84 19.92
CA GLU A 55 -17.09 -9.91 19.20
C GLU A 55 -17.37 -10.31 17.77
N ALA A 56 -16.62 -9.73 16.84
CA ALA A 56 -16.71 -10.10 15.43
C ALA A 56 -15.68 -11.18 15.14
N ARG A 57 -16.14 -12.40 14.90
CA ARG A 57 -15.25 -13.55 14.76
C ARG A 57 -15.66 -14.34 13.52
N GLY A 58 -14.76 -14.42 12.55
CA GLY A 58 -15.02 -15.17 11.34
C GLY A 58 -14.29 -14.55 10.16
N LEU A 59 -14.71 -14.97 8.96
CA LEU A 59 -14.13 -14.44 7.74
C LEU A 59 -14.46 -12.97 7.56
N LEU A 60 -13.45 -12.17 7.26
CA LEU A 60 -13.61 -10.72 7.05
C LEU A 60 -14.26 -10.07 8.27
N ALA A 61 -13.82 -10.50 9.45
CA ALA A 61 -14.33 -9.91 10.69
C ALA A 61 -14.15 -8.40 10.71
N LYS A 62 -13.04 -7.90 10.15
CA LYS A 62 -12.77 -6.47 10.18
C LYS A 62 -13.87 -5.70 9.47
N ASP A 63 -14.37 -6.24 8.35
CA ASP A 63 -15.40 -5.54 7.59
C ASP A 63 -16.69 -5.40 8.40
N LEU A 64 -17.10 -6.46 9.11
CA LEU A 64 -18.30 -6.36 9.95
C LEU A 64 -18.08 -5.39 11.11
N SER A 65 -16.86 -5.38 11.67
CA SER A 65 -16.55 -4.44 12.74
C SER A 65 -16.61 -3.00 12.25
N VAL A 66 -16.29 -2.77 10.97
CA VAL A 66 -16.35 -1.42 10.43
C VAL A 66 -17.79 -0.95 10.30
N LEU A 67 -18.68 -1.82 9.79
CA LEU A 67 -20.09 -1.45 9.74
C LEU A 67 -20.68 -1.29 11.13
N ALA A 68 -20.21 -2.07 12.11
CA ALA A 68 -20.68 -1.91 13.47
C ALA A 68 -20.33 -0.52 14.01
N LEU A 69 -19.07 -0.11 13.84
CA LEU A 69 -18.68 1.23 14.23
C LEU A 69 -19.49 2.29 13.49
N ARG A 70 -19.81 2.03 12.23
CA ARG A 70 -20.69 2.93 11.48
C ARG A 70 -22.01 3.17 12.20
N GLU A 71 -22.48 2.19 12.97
CA GLU A 71 -23.71 2.30 13.74
C GLU A 71 -23.46 2.66 15.20
N GLY A 72 -22.31 3.24 15.52
CA GLY A 72 -21.98 3.58 16.89
C GLY A 72 -21.85 2.41 17.83
N LEU A 73 -21.54 1.22 17.32
CA LEU A 73 -21.49 0.01 18.12
C LEU A 73 -20.04 -0.46 18.22
N GLY A 74 -19.62 -0.83 19.42
CA GLY A 74 -18.28 -1.33 19.61
C GLY A 74 -18.22 -2.83 19.47
N LEU A 75 -17.90 -3.33 18.29
CA LEU A 75 -17.85 -4.76 18.00
C LEU A 75 -16.48 -5.09 17.47
N PRO A 76 -15.52 -5.41 18.35
CA PRO A 76 -14.14 -5.59 17.89
C PRO A 76 -14.01 -6.83 17.02
N PRO A 77 -13.16 -6.77 16.00
CA PRO A 77 -12.92 -7.96 15.17
C PRO A 77 -11.91 -8.87 15.84
N GLY A 78 -12.24 -10.15 15.92
CA GLY A 78 -11.37 -11.12 16.56
C GLY A 78 -10.70 -12.06 15.57
N ASP A 79 -10.80 -13.36 15.83
CA ASP A 79 -10.17 -14.36 14.96
C ASP A 79 -10.71 -14.26 13.54
N ASP A 80 -9.82 -14.42 12.56
CA ASP A 80 -10.23 -14.42 11.17
C ASP A 80 -9.46 -15.50 10.44
N PRO A 81 -10.13 -16.49 9.86
CA PRO A 81 -9.40 -17.53 9.11
C PRO A 81 -8.64 -16.97 7.93
N MET A 82 -9.02 -15.80 7.42
CA MET A 82 -8.28 -15.18 6.33
C MET A 82 -6.86 -14.81 6.76
N LEU A 83 -6.70 -14.38 8.01
CA LEU A 83 -5.37 -14.03 8.50
C LEU A 83 -4.50 -15.26 8.71
N LEU A 84 -5.10 -16.40 9.08
CA LEU A 84 -4.34 -17.63 9.21
C LEU A 84 -3.86 -18.11 7.85
N ALA A 85 -4.74 -18.11 6.84
CA ALA A 85 -4.34 -18.55 5.52
C ALA A 85 -3.37 -17.58 4.85
N TYR A 86 -3.51 -16.28 5.14
CA TYR A 86 -2.61 -15.30 4.55
C TYR A 86 -1.21 -15.43 5.11
N LEU A 87 -1.10 -15.77 6.40
CA LEU A 87 0.22 -16.02 6.99
C LEU A 87 0.80 -17.35 6.53
N LEU A 88 -0.06 -18.35 6.30
CA LEU A 88 0.40 -19.60 5.72
C LEU A 88 0.91 -19.40 4.30
N ASP A 89 0.17 -18.63 3.50
CA ASP A 89 0.56 -18.34 2.13
C ASP A 89 -0.09 -17.04 1.67
N PRO A 90 0.71 -16.00 1.38
CA PRO A 90 0.12 -14.73 0.92
C PRO A 90 -0.69 -14.85 -0.34
N SER A 91 -0.64 -15.98 -1.04
CA SER A 91 -1.52 -16.16 -2.19
C SER A 91 -2.98 -16.37 -1.77
N ASN A 92 -3.23 -16.60 -0.48
CA ASN A 92 -4.59 -16.74 0.04
C ASN A 92 -5.10 -15.34 0.36
N THR A 93 -5.78 -14.73 -0.61
CA THR A 93 -6.16 -13.34 -0.50
C THR A 93 -7.65 -13.09 -0.40
N THR A 94 -8.47 -14.06 -0.81
CA THR A 94 -9.91 -13.88 -0.85
C THR A 94 -10.61 -15.07 -0.21
N PRO A 95 -11.81 -14.87 0.33
CA PRO A 95 -12.55 -16.01 0.90
C PRO A 95 -12.87 -17.09 -0.13
N GLU A 96 -13.07 -16.72 -1.40
CA GLU A 96 -13.32 -17.72 -2.42
C GLU A 96 -12.10 -18.62 -2.61
N GLY A 97 -10.91 -18.02 -2.72
CA GLY A 97 -9.72 -18.80 -2.98
C GLY A 97 -9.38 -19.76 -1.85
N VAL A 98 -9.44 -19.26 -0.60
CA VAL A 98 -9.13 -20.11 0.55
C VAL A 98 -10.16 -21.21 0.69
N ALA A 99 -11.39 -20.99 0.23
CA ALA A 99 -12.41 -22.02 0.29
C ALA A 99 -12.11 -23.17 -0.67
N ARG A 100 -11.73 -22.84 -1.91
CA ARG A 100 -11.39 -23.86 -2.89
C ARG A 100 -10.11 -24.62 -2.55
N ARG A 101 -9.17 -24.01 -1.83
CA ARG A 101 -7.89 -24.62 -1.47
C ARG A 101 -7.96 -25.52 -0.24
N TYR A 102 -8.61 -25.07 0.84
CA TYR A 102 -8.59 -25.81 2.10
C TYR A 102 -9.92 -26.48 2.43
N GLY A 103 -10.95 -26.28 1.62
CA GLY A 103 -12.20 -26.98 1.83
C GLY A 103 -13.42 -26.09 2.01
N GLY A 104 -14.56 -26.54 1.49
CA GLY A 104 -15.81 -25.82 1.60
C GLY A 104 -16.10 -24.96 0.39
N GLU A 105 -17.24 -24.27 0.45
CA GLU A 105 -17.70 -23.40 -0.64
C GLU A 105 -18.12 -22.05 -0.07
N TRP A 106 -17.55 -20.98 -0.63
CA TRP A 106 -17.94 -19.62 -0.29
C TRP A 106 -19.22 -19.28 -1.03
N THR A 107 -20.32 -19.09 -0.29
CA THR A 107 -21.63 -18.87 -0.89
C THR A 107 -22.07 -17.41 -0.67
N GLU A 108 -23.37 -17.17 -0.77
CA GLU A 108 -23.93 -15.84 -0.60
C GLU A 108 -24.99 -15.81 0.49
N GLU A 109 -24.97 -16.77 1.40
CA GLU A 109 -25.94 -16.84 2.49
C GLU A 109 -25.23 -16.73 3.82
N ALA A 110 -25.79 -15.93 4.73
CA ALA A 110 -25.11 -15.61 5.97
C ALA A 110 -24.90 -16.85 6.84
N GLY A 111 -25.88 -17.76 6.86
CA GLY A 111 -25.73 -18.96 7.66
C GLY A 111 -24.61 -19.86 7.16
N GLU A 112 -24.55 -20.06 5.85
CA GLU A 112 -23.49 -20.89 5.27
C GLU A 112 -22.13 -20.23 5.45
N ARG A 113 -22.08 -18.89 5.33
CA ARG A 113 -20.84 -18.18 5.61
C ARG A 113 -20.43 -18.31 7.06
N ALA A 114 -21.41 -18.32 7.98
CA ALA A 114 -21.09 -18.50 9.39
C ALA A 114 -20.49 -19.87 9.63
N ALA A 115 -21.10 -20.92 9.07
CA ALA A 115 -20.61 -22.28 9.27
C ALA A 115 -19.25 -22.48 8.62
N LEU A 116 -19.01 -21.85 7.47
CA LEU A 116 -17.74 -21.98 6.79
C LEU A 116 -16.61 -21.34 7.58
N SER A 117 -16.89 -20.21 8.26
CA SER A 117 -15.86 -19.54 9.04
C SER A 117 -15.36 -20.43 10.17
N GLU A 118 -16.27 -21.15 10.84
CA GLU A 118 -15.87 -22.06 11.89
C GLU A 118 -15.08 -23.24 11.34
N ARG A 119 -15.53 -23.79 10.21
CA ARG A 119 -14.86 -24.95 9.64
C ARG A 119 -13.49 -24.59 9.11
N LEU A 120 -13.36 -23.41 8.48
CA LEU A 120 -12.06 -22.99 7.98
C LEU A 120 -11.10 -22.70 9.12
N PHE A 121 -11.59 -22.14 10.22
CA PHE A 121 -10.70 -21.75 11.31
C PHE A 121 -10.04 -22.97 11.94
N ALA A 122 -10.84 -24.01 12.22
CA ALA A 122 -10.27 -25.22 12.83
C ALA A 122 -9.21 -25.84 11.92
N ASN A 123 -9.47 -25.85 10.61
CA ASN A 123 -8.50 -26.41 9.68
C ASN A 123 -7.21 -25.58 9.65
N LEU A 124 -7.33 -24.29 9.38
CA LEU A 124 -6.16 -23.44 9.25
C LEU A 124 -5.40 -23.31 10.56
N TRP A 125 -6.12 -23.20 11.68
CA TRP A 125 -5.45 -23.14 12.97
C TRP A 125 -4.72 -24.44 13.28
N GLY A 126 -5.27 -25.57 12.82
CA GLY A 126 -4.56 -26.84 12.97
C GLY A 126 -3.28 -26.88 12.15
N ARG A 127 -3.32 -26.35 10.93
CA ARG A 127 -2.10 -26.32 10.12
C ARG A 127 -1.08 -25.35 10.70
N LEU A 128 -1.53 -24.25 11.30
CA LEU A 128 -0.62 -23.28 11.88
C LEU A 128 0.01 -23.75 13.19
N GLU A 129 -0.46 -24.88 13.73
CA GLU A 129 0.19 -25.43 14.92
C GLU A 129 1.60 -25.90 14.57
N GLY A 130 2.56 -25.52 15.40
CA GLY A 130 3.95 -25.80 15.12
C GLY A 130 4.66 -24.62 14.49
N GLU A 131 3.97 -23.92 13.59
CA GLU A 131 4.52 -22.71 12.97
C GLU A 131 4.40 -21.56 13.97
N GLU A 132 5.17 -21.68 15.06
CA GLU A 132 5.07 -20.71 16.14
C GLU A 132 5.53 -19.32 15.71
N ARG A 133 6.47 -19.23 14.77
CA ARG A 133 6.85 -17.92 14.26
C ARG A 133 5.70 -17.25 13.54
N LEU A 134 4.86 -18.04 12.86
CA LEU A 134 3.67 -17.48 12.24
C LEU A 134 2.57 -17.23 13.26
N LEU A 135 2.44 -18.08 14.28
CA LEU A 135 1.50 -17.84 15.36
C LEU A 135 1.80 -16.54 16.09
N TRP A 136 3.08 -16.19 16.24
CA TRP A 136 3.42 -14.93 16.88
C TRP A 136 2.96 -13.74 16.03
N LEU A 137 3.20 -13.81 14.72
CA LEU A 137 2.67 -12.78 13.84
C LEU A 137 1.15 -12.71 13.90
N TYR A 138 0.48 -13.85 14.05
CA TYR A 138 -0.97 -13.83 14.14
C TYR A 138 -1.42 -13.22 15.46
N ARG A 139 -0.92 -13.74 16.59
CA ARG A 139 -1.38 -13.27 17.89
C ARG A 139 -0.96 -11.84 18.15
N GLU A 140 0.29 -11.50 17.83
CA GLU A 140 0.87 -10.23 18.23
C GLU A 140 0.78 -9.15 17.16
N VAL A 141 0.52 -9.51 15.90
CA VAL A 141 0.51 -8.51 14.85
C VAL A 141 -0.85 -8.50 14.14
N GLU A 142 -1.13 -9.55 13.37
CA GLU A 142 -2.23 -9.50 12.41
C GLU A 142 -3.58 -9.38 13.10
N ARG A 143 -3.87 -10.27 14.05
CA ARG A 143 -5.18 -10.25 14.69
C ARG A 143 -5.46 -8.93 15.42
N PRO A 144 -4.57 -8.39 16.25
CA PRO A 144 -4.86 -7.08 16.84
C PRO A 144 -4.83 -5.93 15.84
N LEU A 145 -4.11 -6.07 14.72
CA LEU A 145 -4.05 -4.98 13.76
C LEU A 145 -5.38 -4.77 13.06
N SER A 146 -6.18 -5.83 12.91
CA SER A 146 -7.48 -5.69 12.28
C SER A 146 -8.36 -4.72 13.06
N ALA A 147 -8.33 -4.81 14.41
CA ALA A 147 -9.09 -3.88 15.23
C ALA A 147 -8.62 -2.44 15.03
N VAL A 148 -7.31 -2.25 14.82
CA VAL A 148 -6.81 -0.91 14.53
C VAL A 148 -7.33 -0.45 13.17
N LEU A 149 -7.21 -1.31 12.15
CA LEU A 149 -7.69 -0.98 10.82
C LEU A 149 -9.19 -0.69 10.81
N ALA A 150 -9.96 -1.42 11.62
CA ALA A 150 -11.40 -1.18 11.67
C ALA A 150 -11.70 0.25 12.12
N HIS A 151 -10.95 0.76 13.10
CA HIS A 151 -11.18 2.12 13.54
C HIS A 151 -10.69 3.14 12.51
N MET A 152 -9.64 2.81 11.77
CA MET A 152 -9.16 3.73 10.74
C MET A 152 -10.17 3.86 9.61
N GLU A 153 -10.71 2.73 9.14
CA GLU A 153 -11.73 2.78 8.10
C GLU A 153 -13.00 3.46 8.58
N ALA A 154 -13.36 3.27 9.84
CA ALA A 154 -14.58 3.87 10.37
C ALA A 154 -14.43 5.36 10.62
N THR A 155 -13.26 5.80 11.06
CA THR A 155 -13.04 7.22 11.35
C THR A 155 -13.05 8.05 10.08
N GLY A 156 -12.30 7.62 9.07
CA GLY A 156 -12.19 8.37 7.83
C GLY A 156 -11.34 9.62 7.99
N VAL A 157 -11.21 10.36 6.89
CA VAL A 157 -10.41 11.58 6.86
C VAL A 157 -11.20 12.69 6.21
N ARG A 158 -11.06 13.91 6.73
CA ARG A 158 -11.74 15.07 6.19
C ARG A 158 -11.06 15.53 4.91
N LEU A 159 -11.88 15.99 3.96
CA LEU A 159 -11.39 16.42 2.65
C LEU A 159 -11.95 17.80 2.34
N ASP A 160 -11.07 18.70 1.90
CA ASP A 160 -11.49 20.06 1.53
C ASP A 160 -12.17 19.99 0.16
N VAL A 161 -13.49 19.82 0.19
CA VAL A 161 -14.24 19.58 -1.04
C VAL A 161 -14.28 20.83 -1.90
N ALA A 162 -14.61 21.98 -1.31
CA ALA A 162 -14.67 23.22 -2.09
C ALA A 162 -13.33 23.56 -2.71
N TYR A 163 -12.23 23.15 -2.06
CA TYR A 163 -10.90 23.39 -2.63
C TYR A 163 -10.68 22.55 -3.88
N LEU A 164 -11.13 21.29 -3.85
CA LEU A 164 -10.97 20.43 -5.02
C LEU A 164 -11.93 20.80 -6.14
N ARG A 165 -13.12 21.30 -5.80
CA ARG A 165 -14.03 21.80 -6.83
C ARG A 165 -13.41 22.95 -7.60
N ALA A 166 -12.82 23.91 -6.87
CA ALA A 166 -12.12 25.00 -7.54
C ALA A 166 -10.90 24.51 -8.29
N LEU A 167 -10.22 23.48 -7.77
CA LEU A 167 -9.06 22.93 -8.47
C LEU A 167 -9.49 22.21 -9.75
N SER A 168 -10.72 21.70 -9.79
CA SER A 168 -11.19 21.02 -11.00
C SER A 168 -11.38 22.01 -12.15
N LEU A 169 -12.03 23.14 -11.89
CA LEU A 169 -12.19 24.15 -12.93
C LEU A 169 -10.85 24.74 -13.33
N GLU A 170 -9.96 24.98 -12.36
CA GLU A 170 -8.66 25.57 -12.64
C GLU A 170 -7.86 24.70 -13.60
N VAL A 171 -7.92 23.39 -13.44
CA VAL A 171 -7.22 22.47 -14.33
C VAL A 171 -8.02 22.14 -15.58
N ALA A 172 -9.35 22.24 -15.53
CA ALA A 172 -10.15 21.99 -16.73
C ALA A 172 -9.79 22.95 -17.85
N GLU A 173 -9.51 24.21 -17.51
CA GLU A 173 -9.11 25.18 -18.52
C GLU A 173 -7.74 24.84 -19.08
N GLU A 174 -6.78 24.51 -18.21
CA GLU A 174 -5.43 24.21 -18.67
C GLU A 174 -5.41 22.97 -19.55
N ILE A 175 -6.37 22.05 -19.34
CA ILE A 175 -6.46 20.87 -20.20
C ILE A 175 -6.98 21.25 -21.59
N ALA A 176 -7.96 22.15 -21.64
CA ALA A 176 -8.48 22.60 -22.93
C ALA A 176 -7.41 23.28 -23.76
N ARG A 177 -6.54 24.07 -23.11
CA ARG A 177 -5.46 24.75 -23.83
C ARG A 177 -4.52 23.74 -24.48
N LEU A 178 -4.06 22.75 -23.71
CA LEU A 178 -3.17 21.75 -24.27
C LEU A 178 -3.88 20.88 -25.28
N GLU A 179 -5.14 20.53 -25.01
CA GLU A 179 -5.91 19.72 -25.96
C GLU A 179 -6.01 20.41 -27.31
N ALA A 180 -6.36 21.71 -27.31
CA ALA A 180 -6.47 22.43 -28.57
C ALA A 180 -5.13 22.59 -29.26
N GLU A 181 -4.05 22.74 -28.48
CA GLU A 181 -2.74 22.90 -29.08
C GLU A 181 -2.21 21.60 -29.66
N VAL A 182 -2.61 20.45 -29.09
CA VAL A 182 -2.18 19.16 -29.64
C VAL A 182 -2.90 18.87 -30.95
N PHE A 183 -4.16 19.32 -31.07
CA PHE A 183 -4.87 19.18 -32.33
C PHE A 183 -4.25 20.06 -33.41
N ARG A 184 -3.72 21.23 -33.02
CA ARG A 184 -3.07 22.12 -33.97
C ARG A 184 -1.80 21.47 -34.55
N LEU A 185 -1.05 20.77 -33.70
CA LEU A 185 0.19 20.13 -34.16
C LEU A 185 -0.12 18.86 -34.96
N ALA A 186 -1.17 18.14 -34.58
CA ALA A 186 -1.58 16.95 -35.32
C ALA A 186 -2.33 17.29 -36.60
N GLY A 187 -2.76 18.54 -36.77
CA GLY A 187 -3.50 18.94 -37.95
C GLY A 187 -4.96 18.55 -37.95
N HIS A 188 -5.42 17.78 -36.96
CA HIS A 188 -6.79 17.31 -36.91
C HIS A 188 -7.09 16.87 -35.49
N PRO A 189 -8.34 16.95 -35.05
CA PRO A 189 -8.68 16.46 -33.71
C PRO A 189 -8.78 14.95 -33.65
N PHE A 190 -8.58 14.42 -32.45
CA PHE A 190 -8.73 13.00 -32.16
C PHE A 190 -8.89 12.87 -30.65
N ASN A 191 -9.07 11.62 -30.18
CA ASN A 191 -9.23 11.36 -28.75
C ASN A 191 -7.86 11.09 -28.14
N LEU A 192 -7.34 12.07 -27.39
CA LEU A 192 -6.05 11.92 -26.74
C LEU A 192 -6.08 10.90 -25.60
N ASN A 193 -7.25 10.57 -25.07
CA ASN A 193 -7.37 9.55 -24.04
C ASN A 193 -7.35 8.13 -24.61
N SER A 194 -7.41 8.00 -25.92
CA SER A 194 -7.37 6.71 -26.59
C SER A 194 -5.94 6.47 -27.05
N ARG A 195 -5.27 5.52 -26.40
CA ARG A 195 -3.90 5.19 -26.80
C ARG A 195 -3.83 4.65 -28.21
N ASP A 196 -4.93 4.04 -28.71
CA ASP A 196 -4.90 3.51 -30.07
C ASP A 196 -4.88 4.63 -31.09
N GLN A 197 -5.65 5.70 -30.85
CA GLN A 197 -5.69 6.82 -31.80
C GLN A 197 -4.41 7.63 -31.74
N LEU A 198 -3.85 7.82 -30.54
CA LEU A 198 -2.58 8.52 -30.43
C LEU A 198 -1.48 7.74 -31.14
N GLU A 199 -1.59 6.42 -31.18
CA GLU A 199 -0.60 5.59 -31.87
C GLU A 199 -0.54 5.93 -33.36
N ARG A 200 -1.70 6.08 -34.01
CA ARG A 200 -1.69 6.42 -35.43
C ARG A 200 -1.15 7.83 -35.65
N VAL A 201 -1.52 8.78 -34.79
CA VAL A 201 -1.09 10.16 -34.98
C VAL A 201 0.43 10.26 -34.89
N LEU A 202 1.01 9.64 -33.86
CA LEU A 202 2.44 9.77 -33.61
C LEU A 202 3.28 8.97 -34.58
N PHE A 203 2.85 7.76 -34.94
CA PHE A 203 3.73 6.81 -35.61
C PHE A 203 3.41 6.58 -37.08
N ASP A 204 2.18 6.87 -37.52
CA ASP A 204 1.79 6.73 -38.93
C ASP A 204 1.75 8.07 -39.64
N GLU A 205 0.99 9.03 -39.11
CA GLU A 205 0.89 10.33 -39.74
C GLU A 205 2.19 11.12 -39.57
N LEU A 206 2.70 11.18 -38.35
CA LEU A 206 4.02 11.77 -38.14
C LEU A 206 5.10 10.72 -38.39
N GLY A 207 6.31 11.21 -38.66
CA GLY A 207 7.42 10.32 -38.93
C GLY A 207 8.17 9.92 -37.68
N LEU A 208 7.49 9.93 -36.54
CA LEU A 208 8.15 9.64 -35.28
C LEU A 208 8.44 8.15 -35.15
N PRO A 209 9.65 7.77 -34.73
CA PRO A 209 9.99 6.35 -34.63
C PRO A 209 9.42 5.74 -33.36
N ALA A 210 8.87 4.53 -33.51
CA ALA A 210 8.31 3.79 -32.38
C ALA A 210 9.42 3.07 -31.63
N ILE A 211 9.48 3.26 -30.32
CA ILE A 211 10.62 2.79 -29.54
C ILE A 211 10.40 1.39 -28.99
N GLY A 212 9.18 1.06 -28.58
CA GLY A 212 8.91 -0.24 -27.99
C GLY A 212 7.49 -0.68 -28.22
N LYS A 213 7.22 -1.94 -27.85
CA LYS A 213 5.94 -2.58 -28.05
C LYS A 213 5.29 -2.92 -26.71
N THR A 214 3.96 -2.99 -26.72
CA THR A 214 3.20 -3.35 -25.53
C THR A 214 3.26 -4.87 -25.32
N GLU A 215 2.80 -5.30 -24.14
CA GLU A 215 3.01 -6.68 -23.74
C GLU A 215 2.05 -7.64 -24.43
N LYS A 216 0.75 -7.47 -24.18
CA LYS A 216 -0.20 -8.50 -24.58
C LYS A 216 -0.42 -8.50 -26.09
N THR A 217 -0.59 -7.32 -26.69
CA THR A 217 -0.98 -7.22 -28.10
C THR A 217 0.14 -6.80 -29.04
N GLY A 218 1.24 -6.25 -28.52
CA GLY A 218 2.34 -5.86 -29.38
C GLY A 218 2.14 -4.59 -30.18
N LYS A 219 1.29 -3.68 -29.69
CA LYS A 219 1.10 -2.40 -30.35
C LYS A 219 2.28 -1.47 -30.07
N ARG A 220 2.40 -0.42 -30.88
CA ARG A 220 3.44 0.59 -30.68
C ARG A 220 3.08 1.41 -29.44
N SER A 221 3.94 1.34 -28.42
CA SER A 221 3.56 1.89 -27.12
C SER A 221 3.63 3.42 -27.15
N THR A 222 2.66 4.06 -26.50
CA THR A 222 2.62 5.51 -26.35
C THR A 222 2.85 5.91 -24.89
N SER A 223 3.51 5.02 -24.15
CA SER A 223 3.75 5.26 -22.74
C SER A 223 4.71 6.43 -22.56
N ALA A 224 4.73 6.94 -21.33
CA ALA A 224 5.60 8.06 -20.99
C ALA A 224 7.08 7.76 -21.23
N ALA A 225 7.48 6.49 -21.20
CA ALA A 225 8.88 6.17 -21.48
C ALA A 225 9.22 6.44 -22.94
N VAL A 226 8.41 5.92 -23.85
CA VAL A 226 8.62 6.17 -25.28
C VAL A 226 8.61 7.66 -25.57
N LEU A 227 7.65 8.38 -24.99
CA LEU A 227 7.49 9.80 -25.30
C LEU A 227 8.61 10.63 -24.68
N GLU A 228 9.08 10.26 -23.48
CA GLU A 228 10.16 11.00 -22.86
C GLU A 228 11.43 10.96 -23.71
N ALA A 229 11.60 9.90 -24.48
CA ALA A 229 12.73 9.82 -25.42
C ALA A 229 12.47 10.60 -26.70
N LEU A 230 11.23 10.97 -26.97
CA LEU A 230 10.86 11.70 -28.18
C LEU A 230 10.53 13.16 -27.89
N ARG A 231 11.05 13.71 -26.79
CA ARG A 231 10.77 15.11 -26.48
C ARG A 231 11.37 16.06 -27.51
N GLU A 232 12.55 15.71 -28.06
CA GLU A 232 13.21 16.56 -29.03
C GLU A 232 12.86 16.22 -30.47
N ALA A 233 12.25 15.06 -30.71
CA ALA A 233 11.90 14.66 -32.07
C ALA A 233 10.70 15.41 -32.62
N HIS A 234 9.78 15.86 -31.75
CA HIS A 234 8.62 16.59 -32.23
C HIS A 234 7.99 17.34 -31.07
N PRO A 235 7.57 18.59 -31.28
CA PRO A 235 6.98 19.37 -30.18
C PRO A 235 5.62 18.86 -29.70
N ILE A 236 4.96 17.97 -30.45
CA ILE A 236 3.67 17.47 -30.00
C ILE A 236 3.84 16.58 -28.79
N VAL A 237 4.99 15.91 -28.67
CA VAL A 237 5.23 15.06 -27.50
C VAL A 237 5.29 15.90 -26.24
N GLU A 238 5.87 17.10 -26.33
CA GLU A 238 6.01 17.95 -25.14
C GLU A 238 4.64 18.26 -24.53
N LYS A 239 3.65 18.56 -25.37
CA LYS A 239 2.30 18.88 -24.92
C LYS A 239 1.46 17.64 -24.60
N ILE A 240 1.72 16.51 -25.25
CA ILE A 240 1.04 15.28 -24.89
C ILE A 240 1.45 14.85 -23.48
N LEU A 241 2.72 15.05 -23.13
CA LEU A 241 3.17 14.69 -21.78
C LEU A 241 2.53 15.57 -20.72
N GLN A 242 2.46 16.90 -20.97
CA GLN A 242 1.76 17.78 -20.04
C GLN A 242 0.29 17.42 -19.95
N TYR A 243 -0.29 16.89 -21.03
CA TYR A 243 -1.70 16.53 -21.03
C TYR A 243 -1.95 15.27 -20.19
N ARG A 244 -1.04 14.29 -20.29
CA ARG A 244 -1.23 13.06 -19.53
C ARG A 244 -1.20 13.32 -18.02
N GLU A 245 -0.32 14.23 -17.56
CA GLU A 245 -0.23 14.51 -16.14
C GLU A 245 -1.55 15.06 -15.61
N LEU A 246 -2.16 16.00 -16.34
CA LEU A 246 -3.35 16.68 -15.84
C LEU A 246 -4.56 15.75 -15.84
N THR A 247 -4.81 15.05 -16.96
CA THR A 247 -5.96 14.15 -17.04
C THR A 247 -5.88 12.99 -16.05
N LYS A 248 -4.66 12.49 -15.81
CA LYS A 248 -4.50 11.46 -14.78
C LYS A 248 -4.93 11.99 -13.42
N LEU A 249 -4.37 13.13 -13.00
CA LEU A 249 -4.69 13.66 -11.68
C LEU A 249 -6.11 14.16 -11.59
N LYS A 250 -6.74 14.51 -12.72
CA LYS A 250 -8.10 15.02 -12.68
C LYS A 250 -9.13 13.89 -12.63
N SER A 251 -8.95 12.87 -13.49
CA SER A 251 -9.91 11.78 -13.61
C SER A 251 -9.81 10.76 -12.49
N THR A 252 -8.71 10.76 -11.73
CA THR A 252 -8.50 9.79 -10.66
C THR A 252 -8.59 10.39 -9.27
N TYR A 253 -8.24 11.67 -9.11
CA TYR A 253 -8.17 12.27 -7.78
C TYR A 253 -9.08 13.48 -7.63
N ILE A 254 -8.87 14.54 -8.42
CA ILE A 254 -9.56 15.80 -8.18
C ILE A 254 -11.07 15.66 -8.30
N ASP A 255 -11.53 14.89 -9.28
CA ASP A 255 -12.96 14.76 -9.53
C ASP A 255 -13.61 13.60 -8.76
N PRO A 256 -13.01 12.41 -8.71
CA PRO A 256 -13.71 11.30 -8.04
C PRO A 256 -13.83 11.46 -6.53
N LEU A 257 -12.79 12.00 -5.89
CA LEU A 257 -12.76 12.01 -4.42
C LEU A 257 -13.90 12.80 -3.78
N PRO A 258 -14.18 14.05 -4.17
CA PRO A 258 -15.25 14.80 -3.46
C PRO A 258 -16.61 14.12 -3.51
N ASP A 259 -16.87 13.25 -4.49
CA ASP A 259 -18.14 12.55 -4.57
C ASP A 259 -18.23 11.34 -3.64
N LEU A 260 -17.14 10.94 -3.00
CA LEU A 260 -17.14 9.79 -2.10
C LEU A 260 -17.27 10.20 -0.64
N ILE A 261 -17.57 11.46 -0.36
CA ILE A 261 -17.77 11.89 1.02
C ILE A 261 -19.00 11.21 1.58
N HIS A 262 -18.85 10.54 2.72
CA HIS A 262 -19.96 9.81 3.30
C HIS A 262 -20.96 10.81 3.90
N PRO A 263 -22.26 10.51 3.83
CA PRO A 263 -23.25 11.46 4.34
C PRO A 263 -23.23 11.61 5.85
N ARG A 264 -23.21 10.50 6.59
CA ARG A 264 -23.33 10.57 8.03
C ARG A 264 -22.07 11.10 8.69
N THR A 265 -20.90 10.72 8.19
CA THR A 265 -19.65 11.12 8.82
C THR A 265 -19.05 12.37 8.21
N GLY A 266 -19.49 12.78 7.02
CA GLY A 266 -18.88 13.90 6.35
C GLY A 266 -17.41 13.72 6.05
N ARG A 267 -16.93 12.48 5.97
CA ARG A 267 -15.53 12.18 5.77
C ARG A 267 -15.36 11.22 4.60
N LEU A 268 -14.11 11.05 4.19
CA LEU A 268 -13.73 10.09 3.15
C LEU A 268 -13.27 8.80 3.83
N HIS A 269 -13.81 7.66 3.38
CA HIS A 269 -13.56 6.38 4.03
C HIS A 269 -12.96 5.39 3.06
N THR A 270 -11.73 4.95 3.35
CA THR A 270 -11.07 3.96 2.53
C THR A 270 -11.23 2.58 3.17
N ARG A 271 -10.71 1.58 2.48
CA ARG A 271 -10.63 0.22 3.01
C ARG A 271 -9.16 -0.17 3.07
N PHE A 272 -8.72 -0.66 4.22
CA PHE A 272 -7.36 -1.17 4.39
C PHE A 272 -7.43 -2.69 4.33
N ASN A 273 -7.14 -3.24 3.15
CA ASN A 273 -7.22 -4.68 2.93
C ASN A 273 -6.00 -5.35 3.53
N GLN A 274 -6.23 -6.25 4.48
CA GLN A 274 -5.15 -6.82 5.27
C GLN A 274 -4.50 -8.05 4.65
N THR A 275 -5.16 -8.73 3.71
CA THR A 275 -4.62 -9.93 3.08
C THR A 275 -4.67 -9.74 1.56
N ALA A 276 -3.84 -8.83 1.04
CA ALA A 276 -3.91 -8.45 -0.36
C ALA A 276 -2.58 -8.41 -1.10
N THR A 277 -1.45 -8.37 -0.42
CA THR A 277 -0.15 -8.33 -1.07
C THR A 277 0.63 -9.60 -0.78
N ALA A 278 1.65 -9.84 -1.60
CA ALA A 278 2.50 -11.02 -1.46
C ALA A 278 3.64 -10.82 -0.46
N THR A 279 3.90 -9.59 -0.03
CA THR A 279 5.00 -9.28 0.87
C THR A 279 4.56 -9.04 2.30
N GLY A 280 3.27 -8.90 2.54
CA GLY A 280 2.78 -8.53 3.86
C GLY A 280 2.42 -7.07 4.00
N ARG A 281 2.59 -6.28 2.96
CA ARG A 281 2.13 -4.90 2.97
C ARG A 281 0.59 -4.86 3.01
N LEU A 282 0.08 -3.76 3.54
CA LEU A 282 -1.34 -3.44 3.40
C LEU A 282 -1.61 -2.87 2.03
N SER A 283 -2.88 -2.86 1.64
CA SER A 283 -3.31 -2.16 0.45
C SER A 283 -4.60 -1.41 0.77
N SER A 284 -4.82 -0.31 0.06
CA SER A 284 -5.97 0.55 0.26
C SER A 284 -6.82 0.56 -1.00
N SER A 285 -8.13 0.68 -0.84
CA SER A 285 -9.02 0.68 -2.00
C SER A 285 -10.34 1.35 -1.65
N ASP A 286 -11.04 1.78 -2.71
CA ASP A 286 -12.39 2.31 -2.63
C ASP A 286 -12.59 3.47 -1.64
N PRO A 287 -11.87 4.58 -1.82
CA PRO A 287 -10.82 4.84 -2.81
C PRO A 287 -9.46 4.44 -2.26
N ASN A 288 -8.47 4.19 -3.13
CA ASN A 288 -7.10 3.99 -2.68
C ASN A 288 -6.54 5.32 -2.19
N LEU A 289 -6.13 5.36 -0.92
CA LEU A 289 -5.48 6.54 -0.37
C LEU A 289 -3.97 6.35 -0.18
N GLN A 290 -3.39 5.28 -0.73
CA GLN A 290 -1.95 5.07 -0.67
C GLN A 290 -1.24 5.51 -1.95
N ASN A 291 -1.94 6.17 -2.86
CA ASN A 291 -1.34 6.69 -4.09
C ASN A 291 -1.85 8.09 -4.40
N ILE A 292 -1.99 8.91 -3.37
CA ILE A 292 -2.30 10.34 -3.57
C ILE A 292 -1.05 11.04 -4.10
N PRO A 293 -1.15 11.81 -5.19
CA PRO A 293 0.03 12.46 -5.76
C PRO A 293 0.78 13.33 -4.76
N VAL A 294 2.09 13.45 -4.98
CA VAL A 294 2.96 14.15 -4.04
C VAL A 294 4.21 14.65 -4.76
N ARG A 295 4.42 14.21 -6.00
CA ARG A 295 5.65 14.53 -6.72
C ARG A 295 5.52 15.83 -7.52
N THR A 296 4.61 15.88 -8.48
CA THR A 296 4.45 17.06 -9.33
C THR A 296 3.94 18.23 -8.50
N PRO A 297 4.18 19.47 -8.96
CA PRO A 297 3.65 20.63 -8.21
C PRO A 297 2.14 20.63 -8.11
N LEU A 298 1.43 20.24 -9.17
CA LEU A 298 -0.02 20.17 -9.08
C LEU A 298 -0.47 19.01 -8.20
N GLY A 299 0.29 17.91 -8.20
CA GLY A 299 -0.05 16.79 -7.34
C GLY A 299 0.02 17.16 -5.87
N GLN A 300 1.01 17.97 -5.49
CA GLN A 300 1.12 18.39 -4.10
C GLN A 300 -0.07 19.24 -3.68
N ARG A 301 -0.69 19.95 -4.62
CA ARG A 301 -1.90 20.70 -4.30
C ARG A 301 -3.07 19.79 -3.99
N ILE A 302 -3.00 18.52 -4.39
CA ILE A 302 -4.07 17.59 -4.04
C ILE A 302 -3.96 17.14 -2.58
N ARG A 303 -2.74 17.02 -2.05
CA ARG A 303 -2.60 16.68 -0.64
C ARG A 303 -3.06 17.81 0.27
N ARG A 304 -3.03 19.06 -0.21
CA ARG A 304 -3.55 20.17 0.58
C ARG A 304 -5.04 19.99 0.89
N ALA A 305 -5.77 19.23 0.06
CA ALA A 305 -7.19 18.98 0.26
C ALA A 305 -7.48 18.03 1.41
N PHE A 306 -6.51 17.25 1.85
CA PHE A 306 -6.69 16.34 2.98
C PHE A 306 -6.38 17.09 4.27
N ILE A 307 -7.42 17.41 5.02
CA ILE A 307 -7.30 18.33 6.14
C ILE A 307 -7.79 17.66 7.41
N ALA A 308 -7.43 18.26 8.54
CA ALA A 308 -7.94 17.83 9.83
C ALA A 308 -9.25 18.55 10.13
N GLU A 309 -9.95 18.06 11.14
CA GLU A 309 -11.18 18.70 11.56
C GLU A 309 -10.86 20.02 12.26
N GLU A 310 -11.89 20.86 12.40
CA GLU A 310 -11.71 22.13 13.07
C GLU A 310 -11.20 21.90 14.50
N GLY A 311 -10.14 22.61 14.86
CA GLY A 311 -9.53 22.42 16.16
C GLY A 311 -8.62 21.22 16.26
N TRP A 312 -8.33 20.56 15.15
CA TRP A 312 -7.45 19.41 15.11
C TRP A 312 -6.29 19.69 14.16
N LEU A 313 -5.28 18.83 14.25
CA LEU A 313 -4.11 18.91 13.40
C LEU A 313 -3.74 17.49 12.96
N LEU A 314 -3.10 17.40 11.80
CA LEU A 314 -2.64 16.12 11.27
C LEU A 314 -1.19 15.91 11.68
N VAL A 315 -0.88 14.69 12.11
CA VAL A 315 0.47 14.31 12.51
C VAL A 315 0.93 13.22 11.55
N ALA A 316 1.97 13.52 10.77
CA ALA A 316 2.53 12.57 9.81
C ALA A 316 3.90 12.12 10.29
N LEU A 317 4.13 10.80 10.27
CA LEU A 317 5.40 10.20 10.68
C LEU A 317 5.86 9.23 9.62
N ASP A 318 7.06 9.45 9.08
CA ASP A 318 7.59 8.67 7.95
C ASP A 318 8.96 8.13 8.31
N TYR A 319 9.13 6.81 8.19
CA TYR A 319 10.42 6.19 8.42
C TYR A 319 11.44 6.66 7.39
N SER A 320 12.65 6.94 7.85
CA SER A 320 13.72 7.40 6.95
C SER A 320 14.42 6.19 6.36
N GLN A 321 14.48 6.14 5.03
CA GLN A 321 15.27 5.15 4.29
C GLN A 321 14.99 3.73 4.80
N ILE A 322 13.70 3.44 5.02
CA ILE A 322 13.33 2.35 5.92
C ILE A 322 13.88 1.01 5.41
N GLU A 323 13.66 0.70 4.13
CA GLU A 323 14.09 -0.59 3.63
C GLU A 323 15.61 -0.67 3.50
N LEU A 324 16.28 0.47 3.33
CA LEU A 324 17.74 0.46 3.37
C LEU A 324 18.24 0.14 4.77
N ARG A 325 17.56 0.65 5.80
CA ARG A 325 17.90 0.28 7.17
C ARG A 325 17.58 -1.20 7.42
N VAL A 326 16.48 -1.69 6.85
CA VAL A 326 16.15 -3.10 6.98
C VAL A 326 17.23 -3.96 6.34
N LEU A 327 17.74 -3.54 5.17
CA LEU A 327 18.76 -4.33 4.50
C LEU A 327 20.07 -4.33 5.31
N ALA A 328 20.37 -3.22 5.96
CA ALA A 328 21.57 -3.16 6.80
C ALA A 328 21.50 -4.19 7.93
N HIS A 329 20.32 -4.37 8.51
CA HIS A 329 20.16 -5.34 9.58
C HIS A 329 20.12 -6.77 9.06
N LEU A 330 19.54 -6.98 7.88
CA LEU A 330 19.44 -8.32 7.31
C LEU A 330 20.78 -8.79 6.75
N SER A 331 21.44 -7.94 5.96
CA SER A 331 22.74 -8.28 5.38
C SER A 331 23.87 -8.27 6.40
N GLY A 332 23.75 -7.50 7.47
CA GLY A 332 24.86 -7.38 8.39
C GLY A 332 26.06 -6.68 7.81
N ASP A 333 25.88 -5.93 6.73
CA ASP A 333 26.99 -5.27 6.07
C ASP A 333 27.54 -4.18 6.99
N GLU A 334 28.83 -4.31 7.34
CA GLU A 334 29.43 -3.39 8.29
C GLU A 334 29.45 -1.96 7.75
N ASN A 335 29.72 -1.80 6.45
CA ASN A 335 29.76 -0.46 5.87
C ASN A 335 28.37 0.16 5.81
N LEU A 336 27.33 -0.65 5.63
CA LEU A 336 25.97 -0.11 5.55
C LEU A 336 25.41 0.20 6.93
N ILE A 337 25.70 -0.66 7.91
CA ILE A 337 25.33 -0.35 9.29
C ILE A 337 26.04 0.91 9.76
N ARG A 338 27.30 1.07 9.34
CA ARG A 338 28.05 2.28 9.68
C ARG A 338 27.43 3.52 9.07
N VAL A 339 26.74 3.37 7.93
CA VAL A 339 26.11 4.52 7.28
C VAL A 339 24.99 5.08 8.16
N PHE A 340 24.08 4.22 8.60
CA PHE A 340 22.99 4.68 9.45
C PHE A 340 23.41 4.88 10.90
N GLN A 341 24.55 4.32 11.30
CA GLN A 341 25.08 4.59 12.64
C GLN A 341 25.69 5.97 12.73
N GLU A 342 26.07 6.57 11.61
CA GLU A 342 26.63 7.91 11.56
C GLU A 342 25.63 8.94 11.02
N GLY A 343 24.37 8.54 10.84
CA GLY A 343 23.34 9.46 10.39
C GLY A 343 23.41 9.86 8.94
N ARG A 344 23.96 9.01 8.07
CA ARG A 344 24.10 9.36 6.66
C ARG A 344 22.81 9.10 5.90
N ASP A 345 22.60 9.87 4.83
CA ASP A 345 21.38 9.82 4.04
C ASP A 345 21.74 9.35 2.63
N ILE A 346 21.41 8.10 2.32
CA ILE A 346 21.77 7.53 1.04
C ILE A 346 21.05 8.24 -0.10
N HIS A 347 19.77 8.56 0.09
CA HIS A 347 19.01 9.22 -0.97
C HIS A 347 19.58 10.60 -1.29
N THR A 348 19.98 11.35 -0.26
CA THR A 348 20.55 12.67 -0.50
C THR A 348 21.90 12.56 -1.22
N GLU A 349 22.67 11.53 -0.90
CA GLU A 349 23.98 11.35 -1.52
C GLU A 349 23.84 10.99 -3.00
N THR A 350 22.87 10.15 -3.34
CA THR A 350 22.67 9.78 -4.74
C THR A 350 22.23 10.99 -5.56
N ALA A 351 21.38 11.85 -4.99
CA ALA A 351 20.99 13.07 -5.71
C ALA A 351 22.18 13.99 -5.88
N SER A 352 23.06 14.07 -4.88
CA SER A 352 24.26 14.87 -5.00
C SER A 352 25.13 14.41 -6.16
N TRP A 353 25.09 13.12 -6.48
CA TRP A 353 25.87 12.58 -7.58
C TRP A 353 25.21 12.83 -8.93
N MET A 354 23.88 12.79 -9.00
CA MET A 354 23.20 13.02 -10.27
C MET A 354 23.32 14.48 -10.70
N PHE A 355 23.10 15.41 -9.77
CA PHE A 355 22.99 16.83 -10.08
C PHE A 355 24.27 17.60 -9.83
N GLY A 356 25.34 16.93 -9.41
CA GLY A 356 26.62 17.60 -9.24
C GLY A 356 26.60 18.72 -8.22
N VAL A 357 25.77 18.59 -7.20
CA VAL A 357 25.70 19.57 -6.12
C VAL A 357 26.06 18.86 -4.82
N PRO A 358 26.49 19.60 -3.80
CA PRO A 358 26.73 18.98 -2.50
C PRO A 358 25.43 18.49 -1.88
N ARG A 359 25.58 17.70 -0.82
CA ARG A 359 24.42 17.18 -0.11
C ARG A 359 23.56 18.31 0.46
N GLU A 360 24.19 19.42 0.84
CA GLU A 360 23.48 20.58 1.38
C GLU A 360 22.63 21.29 0.34
N ALA A 361 23.02 21.27 -0.93
CA ALA A 361 22.29 21.94 -1.99
C ALA A 361 21.18 21.09 -2.60
N VAL A 362 21.03 19.85 -2.15
CA VAL A 362 20.02 18.96 -2.71
C VAL A 362 18.64 19.35 -2.17
N ASP A 363 17.65 19.41 -3.06
CA ASP A 363 16.28 19.75 -2.72
C ASP A 363 15.40 18.50 -2.73
N PRO A 364 14.19 18.57 -2.16
CA PRO A 364 13.34 17.36 -2.08
C PRO A 364 12.98 16.74 -3.42
N LEU A 365 12.82 17.53 -4.48
CA LEU A 365 12.51 16.94 -5.78
C LEU A 365 13.69 16.12 -6.31
N MET A 366 14.91 16.61 -6.09
CA MET A 366 16.09 15.84 -6.44
C MET A 366 16.19 14.57 -5.61
N ARG A 367 15.92 14.67 -4.30
CA ARG A 367 16.03 13.50 -3.42
C ARG A 367 14.96 12.46 -3.74
N ARG A 368 13.80 12.88 -4.26
CA ARG A 368 12.76 11.92 -4.61
C ARG A 368 13.12 11.15 -5.87
N ALA A 369 13.74 11.84 -6.84
CA ALA A 369 14.18 11.16 -8.04
C ALA A 369 15.28 10.14 -7.74
N ALA A 370 16.12 10.44 -6.76
CA ALA A 370 17.19 9.50 -6.39
C ALA A 370 16.62 8.28 -5.67
N LYS A 371 15.52 8.43 -4.94
CA LYS A 371 14.89 7.27 -4.30
C LYS A 371 14.41 6.28 -5.35
N THR A 372 13.79 6.77 -6.43
CA THR A 372 13.36 5.89 -7.52
C THR A 372 14.55 5.12 -8.06
N ILE A 373 15.70 5.76 -8.20
CA ILE A 373 16.87 5.09 -8.76
C ILE A 373 17.52 4.17 -7.72
N ASN A 374 17.62 4.62 -6.47
CA ASN A 374 18.30 3.82 -5.44
C ASN A 374 17.58 2.48 -5.23
N PHE A 375 16.25 2.48 -5.23
CA PHE A 375 15.51 1.24 -5.04
C PHE A 375 15.38 0.45 -6.35
N GLY A 376 15.42 1.13 -7.49
CA GLY A 376 15.48 0.41 -8.75
C GLY A 376 16.76 -0.39 -8.88
N VAL A 377 17.90 0.27 -8.65
CA VAL A 377 19.19 -0.41 -8.75
C VAL A 377 19.30 -1.52 -7.71
N LEU A 378 18.75 -1.28 -6.51
CA LEU A 378 18.87 -2.27 -5.44
C LEU A 378 18.18 -3.57 -5.81
N TYR A 379 16.99 -3.48 -6.39
CA TYR A 379 16.16 -4.66 -6.65
C TYR A 379 16.35 -5.21 -8.07
N GLY A 380 17.43 -4.82 -8.75
CA GLY A 380 17.84 -5.50 -9.95
C GLY A 380 17.58 -4.82 -11.27
N MET A 381 17.53 -3.49 -11.28
CA MET A 381 17.39 -2.77 -12.54
C MET A 381 18.61 -3.02 -13.42
N SER A 382 18.38 -3.11 -14.72
CA SER A 382 19.46 -3.41 -15.67
C SER A 382 20.29 -2.16 -15.95
N ALA A 383 21.56 -2.37 -16.26
CA ALA A 383 22.45 -1.26 -16.56
C ALA A 383 22.03 -0.54 -17.84
N HIS A 384 21.37 -1.24 -18.77
CA HIS A 384 20.88 -0.59 -19.98
C HIS A 384 19.75 0.38 -19.65
N ARG A 385 18.79 -0.03 -18.83
CA ARG A 385 17.69 0.85 -18.48
C ARG A 385 18.17 2.03 -17.63
N LEU A 386 19.06 1.77 -16.68
CA LEU A 386 19.59 2.84 -15.83
C LEU A 386 20.29 3.91 -16.67
N SER A 387 20.98 3.51 -17.73
CA SER A 387 21.66 4.47 -18.58
C SER A 387 20.68 5.38 -19.30
N GLN A 388 19.50 4.84 -19.65
CA GLN A 388 18.51 5.65 -20.35
C GLN A 388 17.76 6.57 -19.40
N GLU A 389 17.55 6.15 -18.16
CA GLU A 389 16.83 7.00 -17.21
C GLU A 389 17.69 8.18 -16.78
N LEU A 390 19.00 7.96 -16.60
CA LEU A 390 19.92 9.00 -16.18
C LEU A 390 20.59 9.71 -17.34
N ALA A 391 20.31 9.30 -18.59
CA ALA A 391 20.92 9.91 -19.78
C ALA A 391 22.44 9.88 -19.71
N ILE A 392 22.98 8.77 -19.21
CA ILE A 392 24.43 8.57 -19.13
C ILE A 392 24.77 7.38 -20.01
N PRO A 393 26.02 7.29 -20.48
CA PRO A 393 26.39 6.15 -21.32
C PRO A 393 26.30 4.84 -20.56
N TYR A 394 26.16 3.75 -21.32
CA TYR A 394 25.98 2.43 -20.73
C TYR A 394 27.17 2.05 -19.85
N GLU A 395 28.36 2.55 -20.17
CA GLU A 395 29.53 2.22 -19.36
C GLU A 395 29.44 2.85 -17.98
N GLU A 396 28.92 4.06 -17.89
CA GLU A 396 28.78 4.71 -16.58
C GLU A 396 27.71 4.05 -15.74
N ALA A 397 26.62 3.60 -16.36
CA ALA A 397 25.57 2.91 -15.61
C ALA A 397 26.07 1.62 -15.00
N GLN A 398 26.97 0.92 -15.68
CA GLN A 398 27.56 -0.27 -15.07
C GLN A 398 28.39 0.10 -13.85
N ALA A 399 29.24 1.13 -13.98
CA ALA A 399 30.11 1.52 -12.87
C ALA A 399 29.29 1.97 -11.66
N PHE A 400 28.19 2.68 -11.91
CA PHE A 400 27.34 3.11 -10.80
C PHE A 400 26.74 1.92 -10.07
N ILE A 401 26.38 0.87 -10.81
CA ILE A 401 25.83 -0.32 -10.18
C ILE A 401 26.90 -1.05 -9.38
N GLU A 402 28.09 -1.21 -9.95
CA GLU A 402 29.18 -1.88 -9.22
C GLU A 402 29.59 -1.07 -7.99
N ARG A 403 29.77 0.24 -8.14
CA ARG A 403 30.07 1.08 -6.99
C ARG A 403 28.97 1.01 -5.94
N TYR A 404 27.72 0.90 -6.39
CA TYR A 404 26.59 0.81 -5.48
C TYR A 404 26.72 -0.38 -4.54
N PHE A 405 26.99 -1.56 -5.10
CA PHE A 405 27.04 -2.77 -4.30
C PHE A 405 28.43 -3.06 -3.75
N GLN A 406 29.48 -2.45 -4.31
CA GLN A 406 30.78 -2.55 -3.69
C GLN A 406 30.94 -1.64 -2.49
N SER A 407 30.16 -0.56 -2.43
CA SER A 407 30.08 0.22 -1.19
C SER A 407 29.59 -0.63 -0.04
N PHE A 408 28.80 -1.67 -0.33
CA PHE A 408 28.27 -2.57 0.68
C PHE A 408 28.43 -4.00 0.17
N PRO A 409 29.63 -4.55 0.25
CA PRO A 409 29.90 -5.86 -0.38
C PRO A 409 29.11 -7.00 0.20
N LYS A 410 28.57 -6.87 1.41
CA LYS A 410 27.84 -7.97 2.02
C LYS A 410 26.39 -8.05 1.57
N VAL A 411 25.86 -7.03 0.89
CA VAL A 411 24.47 -7.12 0.46
C VAL A 411 24.33 -8.11 -0.69
N ARG A 412 25.33 -8.18 -1.57
CA ARG A 412 25.27 -9.14 -2.66
C ARG A 412 25.44 -10.56 -2.15
N ALA A 413 26.29 -10.74 -1.13
CA ALA A 413 26.39 -12.05 -0.49
C ALA A 413 25.08 -12.43 0.18
N TRP A 414 24.36 -11.44 0.72
CA TRP A 414 23.07 -11.75 1.34
C TRP A 414 22.03 -12.10 0.30
N ILE A 415 22.06 -11.43 -0.86
CA ILE A 415 21.11 -11.76 -1.91
C ILE A 415 21.27 -13.22 -2.32
N GLU A 416 22.52 -13.68 -2.44
CA GLU A 416 22.75 -15.07 -2.81
C GLU A 416 22.31 -16.02 -1.69
N LYS A 417 22.58 -15.65 -0.43
CA LYS A 417 22.15 -16.49 0.68
C LYS A 417 20.63 -16.65 0.69
N THR A 418 19.91 -15.58 0.35
CA THR A 418 18.45 -15.65 0.30
C THR A 418 17.99 -16.46 -0.90
N LEU A 419 18.58 -16.23 -2.06
CA LEU A 419 18.22 -17.00 -3.25
C LEU A 419 18.53 -18.48 -3.05
N GLU A 420 19.69 -18.81 -2.50
CA GLU A 420 20.05 -20.21 -2.30
C GLU A 420 19.07 -20.90 -1.36
N GLU A 421 18.73 -20.25 -0.24
CA GLU A 421 17.73 -20.84 0.65
C GLU A 421 16.35 -20.84 0.02
N GLY A 422 16.06 -19.86 -0.83
CA GLY A 422 14.76 -19.82 -1.49
C GLY A 422 14.50 -21.06 -2.32
N ARG A 423 15.45 -21.44 -3.17
CA ARG A 423 15.25 -22.61 -4.00
C ARG A 423 15.32 -23.90 -3.19
N ARG A 424 16.02 -23.89 -2.05
CA ARG A 424 16.09 -25.10 -1.22
C ARG A 424 14.83 -25.28 -0.39
N ARG A 425 14.32 -24.19 0.20
CA ARG A 425 13.16 -24.32 1.08
C ARG A 425 11.86 -24.21 0.31
N GLY A 426 11.89 -23.54 -0.84
CA GLY A 426 10.69 -23.24 -1.59
C GLY A 426 9.98 -21.96 -1.19
N TYR A 427 10.54 -21.21 -0.23
CA TYR A 427 9.95 -19.94 0.18
C TYR A 427 11.03 -19.10 0.84
N VAL A 428 10.88 -17.78 0.72
CA VAL A 428 11.68 -16.84 1.50
C VAL A 428 10.78 -16.31 2.62
N GLU A 429 11.40 -15.93 3.74
CA GLU A 429 10.63 -15.42 4.87
C GLU A 429 11.22 -14.11 5.35
N THR A 430 10.38 -13.30 5.99
CA THR A 430 10.81 -12.04 6.55
C THR A 430 11.56 -12.30 7.87
N LEU A 431 12.03 -11.21 8.50
CA LEU A 431 12.77 -11.35 9.75
C LEU A 431 11.91 -11.96 10.84
N PHE A 432 10.59 -11.73 10.80
CA PHE A 432 9.69 -12.25 11.81
C PHE A 432 9.16 -13.64 11.48
N GLY A 433 9.34 -14.11 10.24
CA GLY A 433 8.86 -15.43 9.84
C GLY A 433 7.74 -15.44 8.80
N ARG A 434 7.18 -14.31 8.39
CA ARG A 434 6.19 -14.30 7.31
C ARG A 434 6.83 -14.77 6.01
N ARG A 435 6.22 -15.78 5.39
CA ARG A 435 6.78 -16.43 4.22
C ARG A 435 6.11 -15.94 2.93
N ARG A 436 6.86 -15.98 1.85
CA ARG A 436 6.32 -15.89 0.50
C ARG A 436 6.86 -17.06 -0.32
N TYR A 437 5.96 -17.80 -0.97
CA TYR A 437 6.36 -18.93 -1.78
C TYR A 437 6.67 -18.46 -3.19
N VAL A 438 7.91 -18.68 -3.61
CA VAL A 438 8.36 -18.36 -4.95
C VAL A 438 8.94 -19.64 -5.56
N PRO A 439 8.14 -20.37 -6.33
CA PRO A 439 8.59 -21.68 -6.83
C PRO A 439 9.40 -21.64 -8.12
N ASP A 440 9.48 -20.50 -8.80
CA ASP A 440 10.16 -20.47 -10.08
C ASP A 440 11.65 -20.16 -9.97
N LEU A 441 12.22 -20.25 -8.78
CA LEU A 441 13.65 -19.98 -8.63
C LEU A 441 14.52 -21.02 -9.32
N GLU A 442 13.96 -22.18 -9.68
CA GLU A 442 14.69 -23.19 -10.42
C GLU A 442 14.08 -23.45 -11.80
N ALA A 443 13.33 -22.48 -12.33
CA ALA A 443 12.80 -22.60 -13.68
C ALA A 443 13.95 -22.64 -14.69
N ARG A 444 13.70 -23.31 -15.81
CA ARG A 444 14.72 -23.53 -16.83
C ARG A 444 14.81 -22.38 -17.83
N VAL A 445 13.78 -21.56 -17.93
CA VAL A 445 13.81 -20.37 -18.78
C VAL A 445 14.49 -19.24 -18.00
N LYS A 446 15.54 -18.66 -18.60
CA LYS A 446 16.33 -17.65 -17.89
C LYS A 446 15.47 -16.45 -17.49
N SER A 447 14.52 -16.05 -18.34
CA SER A 447 13.70 -14.88 -18.01
C SER A 447 12.77 -15.17 -16.84
N VAL A 448 12.16 -16.36 -16.83
CA VAL A 448 11.21 -16.70 -15.77
C VAL A 448 11.93 -16.89 -14.45
N ARG A 449 13.09 -17.53 -14.48
CA ARG A 449 13.86 -17.72 -13.25
C ARG A 449 14.34 -16.38 -12.69
N GLU A 450 14.86 -15.51 -13.55
CA GLU A 450 15.38 -14.23 -13.07
C GLU A 450 14.27 -13.29 -12.59
N ALA A 451 13.06 -13.41 -13.15
CA ALA A 451 11.94 -12.67 -12.61
C ALA A 451 11.58 -13.17 -11.22
N ALA A 452 11.55 -14.49 -11.04
CA ALA A 452 11.31 -15.04 -9.72
C ALA A 452 12.40 -14.67 -8.74
N GLU A 453 13.64 -14.49 -9.22
CA GLU A 453 14.73 -14.09 -8.34
C GLU A 453 14.54 -12.67 -7.83
N ARG A 454 14.17 -11.73 -8.71
CA ARG A 454 13.96 -10.36 -8.29
C ARG A 454 12.80 -10.24 -7.31
N MET A 455 11.76 -11.07 -7.48
CA MET A 455 10.69 -11.11 -6.50
C MET A 455 11.17 -11.72 -5.19
N ALA A 456 12.15 -12.63 -5.25
CA ALA A 456 12.52 -13.41 -4.08
C ALA A 456 13.25 -12.57 -3.04
N PHE A 457 14.32 -11.87 -3.45
CA PHE A 457 15.11 -11.12 -2.48
C PHE A 457 14.51 -9.76 -2.14
N ASN A 458 13.44 -9.36 -2.84
CA ASN A 458 12.73 -8.15 -2.46
C ASN A 458 11.80 -8.39 -1.28
N MET A 459 11.16 -9.56 -1.21
CA MET A 459 10.15 -9.79 -0.18
C MET A 459 10.66 -9.69 1.25
N PRO A 460 11.85 -10.19 1.61
CA PRO A 460 12.30 -9.98 3.00
C PRO A 460 12.46 -8.52 3.35
N VAL A 461 13.07 -7.73 2.47
CA VAL A 461 13.32 -6.32 2.79
C VAL A 461 12.00 -5.56 2.91
N GLN A 462 11.17 -5.64 1.87
CA GLN A 462 9.88 -4.94 1.90
C GLN A 462 8.93 -5.55 2.93
N GLY A 463 8.99 -6.86 3.14
CA GLY A 463 8.11 -7.49 4.10
C GLY A 463 8.49 -7.18 5.53
N THR A 464 9.79 -7.11 5.83
CA THR A 464 10.20 -6.71 7.17
C THR A 464 9.84 -5.26 7.45
N ALA A 465 9.96 -4.40 6.44
CA ALA A 465 9.51 -3.02 6.59
C ALA A 465 8.01 -2.97 6.89
N ALA A 466 7.23 -3.83 6.23
CA ALA A 466 5.79 -3.88 6.49
C ALA A 466 5.50 -4.36 7.91
N ASP A 467 6.29 -5.32 8.41
CA ASP A 467 6.02 -5.88 9.73
C ASP A 467 6.32 -4.87 10.84
N LEU A 468 7.47 -4.19 10.74
CA LEU A 468 7.79 -3.15 11.71
C LEU A 468 6.71 -2.07 11.75
N MET A 469 6.09 -1.77 10.61
CA MET A 469 5.03 -0.76 10.63
C MET A 469 3.77 -1.32 11.28
N LYS A 470 3.41 -2.57 10.97
CA LYS A 470 2.23 -3.16 11.59
C LYS A 470 2.42 -3.29 13.10
N LEU A 471 3.63 -3.66 13.53
CA LEU A 471 3.89 -3.76 14.96
C LEU A 471 3.72 -2.42 15.64
N ALA A 472 4.18 -1.34 15.00
CA ALA A 472 4.01 -0.01 15.59
C ALA A 472 2.54 0.38 15.65
N MET A 473 1.79 0.12 14.58
CA MET A 473 0.35 0.41 14.59
C MET A 473 -0.37 -0.32 15.70
N VAL A 474 0.07 -1.53 16.03
CA VAL A 474 -0.56 -2.29 17.12
C VAL A 474 -0.19 -1.68 18.46
N LYS A 475 1.04 -1.18 18.60
CA LYS A 475 1.48 -0.63 19.87
C LYS A 475 1.02 0.82 20.09
N LEU A 476 0.95 1.61 19.01
CA LEU A 476 0.62 3.04 19.08
C LEU A 476 -0.87 3.33 19.24
N PHE A 477 -1.75 2.50 18.68
CA PHE A 477 -3.18 2.80 18.71
C PHE A 477 -3.74 2.95 20.13
N PRO A 478 -3.43 2.08 21.10
CA PRO A 478 -4.00 2.30 22.44
C PRO A 478 -3.48 3.54 23.13
N ARG A 479 -2.21 3.89 22.91
CA ARG A 479 -1.67 5.13 23.47
C ARG A 479 -2.30 6.36 22.86
N LEU A 480 -2.94 6.24 21.68
CA LEU A 480 -3.61 7.39 21.09
C LEU A 480 -4.99 7.60 21.69
N GLU A 481 -5.69 6.51 22.02
CA GLU A 481 -7.03 6.63 22.60
C GLU A 481 -6.98 7.27 23.98
N GLU A 482 -5.91 7.03 24.73
CA GLU A 482 -5.75 7.66 26.03
C GLU A 482 -5.37 9.13 25.92
N MET A 483 -5.02 9.61 24.72
CA MET A 483 -4.70 11.01 24.49
C MET A 483 -5.76 11.72 23.66
N GLY A 484 -6.84 11.03 23.29
CA GLY A 484 -7.86 11.64 22.46
C GLY A 484 -7.47 11.84 21.02
N ALA A 485 -6.51 11.06 20.52
CA ALA A 485 -6.05 11.15 19.14
C ALA A 485 -6.52 9.94 18.35
N ARG A 486 -6.61 10.12 17.04
CA ARG A 486 -7.10 9.12 16.12
C ARG A 486 -5.97 8.67 15.18
N MET A 487 -6.14 7.46 14.64
CA MET A 487 -5.27 6.93 13.60
C MET A 487 -6.06 6.90 12.30
N LEU A 488 -5.52 7.50 11.24
CA LEU A 488 -6.28 7.75 10.02
C LEU A 488 -5.78 6.94 8.84
N LEU A 489 -4.54 7.16 8.39
CA LEU A 489 -4.01 6.55 7.18
C LEU A 489 -2.69 5.84 7.46
N GLN A 490 -2.41 4.81 6.66
CA GLN A 490 -1.11 4.16 6.66
C GLN A 490 -0.63 4.06 5.22
N VAL A 491 0.55 4.61 4.95
CA VAL A 491 1.12 4.52 3.61
C VAL A 491 2.45 3.78 3.71
N HIS A 492 2.38 2.48 4.03
CA HIS A 492 3.49 1.54 4.02
C HIS A 492 4.54 1.84 5.08
N ASP A 493 5.18 3.00 5.02
CA ASP A 493 6.15 3.42 6.02
C ASP A 493 5.77 4.73 6.69
N GLU A 494 4.50 5.13 6.58
CA GLU A 494 4.04 6.43 7.01
C GLU A 494 2.70 6.30 7.71
N LEU A 495 2.57 6.96 8.87
CA LEU A 495 1.31 7.04 9.60
C LEU A 495 0.83 8.48 9.62
N VAL A 496 -0.45 8.67 9.34
CA VAL A 496 -1.09 9.98 9.44
C VAL A 496 -2.07 9.93 10.61
N LEU A 497 -1.80 10.73 11.62
CA LEU A 497 -2.64 10.80 12.82
C LEU A 497 -3.46 12.09 12.81
N GLU A 498 -4.41 12.15 13.73
CA GLU A 498 -5.22 13.34 13.93
C GLU A 498 -5.39 13.55 15.42
N ALA A 499 -4.93 14.68 15.92
CA ALA A 499 -4.97 15.02 17.34
C ALA A 499 -5.48 16.44 17.51
N PRO A 500 -6.03 16.75 18.69
CA PRO A 500 -6.37 18.14 18.99
C PRO A 500 -5.13 19.03 18.95
N LYS A 501 -5.35 20.31 18.60
CA LYS A 501 -4.24 21.22 18.34
C LYS A 501 -3.39 21.47 19.58
N GLU A 502 -3.96 21.30 20.79
CA GLU A 502 -3.16 21.50 22.00
C GLU A 502 -2.33 20.27 22.34
N ARG A 503 -2.85 19.07 22.05
CA ARG A 503 -2.13 17.83 22.31
C ARG A 503 -1.34 17.34 21.11
N ALA A 504 -1.36 18.08 19.99
CA ALA A 504 -0.75 17.59 18.76
C ALA A 504 0.75 17.38 18.94
N GLU A 505 1.44 18.35 19.54
CA GLU A 505 2.87 18.23 19.72
C GLU A 505 3.23 17.10 20.67
N ALA A 506 2.34 16.78 21.62
CA ALA A 506 2.55 15.65 22.51
C ALA A 506 2.30 14.31 21.82
N VAL A 507 1.33 14.26 20.90
CA VAL A 507 1.09 13.05 20.14
C VAL A 507 2.23 12.81 19.14
N ALA A 508 2.75 13.90 18.56
CA ALA A 508 3.84 13.75 17.59
C ALA A 508 5.08 13.17 18.24
N ARG A 509 5.40 13.62 19.45
CA ARG A 509 6.59 13.11 20.13
C ARG A 509 6.39 11.68 20.61
N LEU A 510 5.18 11.33 21.06
CA LEU A 510 4.93 9.98 21.56
C LEU A 510 4.97 8.97 20.42
N ALA A 511 4.31 9.27 19.31
CA ALA A 511 4.33 8.37 18.17
C ALA A 511 5.74 8.21 17.62
N LYS A 512 6.55 9.27 17.66
CA LYS A 512 7.92 9.18 17.20
C LYS A 512 8.70 8.12 17.98
N GLU A 513 8.62 8.18 19.32
CA GLU A 513 9.36 7.21 20.13
C GLU A 513 8.82 5.80 19.96
N VAL A 514 7.51 5.65 19.78
CA VAL A 514 6.93 4.31 19.62
C VAL A 514 7.42 3.67 18.33
N MET A 515 7.38 4.45 17.24
CA MET A 515 7.81 3.93 15.94
C MET A 515 9.31 3.71 15.90
N GLU A 516 10.10 4.65 16.45
CA GLU A 516 11.54 4.50 16.42
C GLU A 516 12.00 3.28 17.22
N GLY A 517 11.33 2.98 18.32
CA GLY A 517 11.74 1.89 19.16
C GLY A 517 10.80 0.70 19.14
N VAL A 518 10.04 0.56 18.04
CA VAL A 518 9.10 -0.56 17.94
C VAL A 518 9.82 -1.89 18.00
N TYR A 519 11.04 -1.96 17.48
CA TYR A 519 11.82 -3.19 17.45
C TYR A 519 13.27 -2.85 17.13
N PRO A 520 14.15 -2.79 18.13
CA PRO A 520 15.51 -2.32 17.88
C PRO A 520 16.28 -3.24 16.95
N LEU A 521 17.03 -2.64 16.04
CA LEU A 521 17.82 -3.38 15.05
C LEU A 521 19.30 -3.04 15.23
N ALA A 522 20.11 -3.54 14.31
CA ALA A 522 21.53 -3.19 14.29
C ALA A 522 21.76 -1.75 13.87
N VAL A 523 20.76 -1.11 13.28
CA VAL A 523 20.81 0.31 12.96
C VAL A 523 19.66 0.99 13.70
N PRO A 524 19.75 2.28 13.99
CA PRO A 524 18.59 2.97 14.57
C PRO A 524 17.57 3.29 13.49
N LEU A 525 16.30 3.14 13.84
CA LEU A 525 15.20 3.56 12.98
C LEU A 525 14.86 5.01 13.29
N GLU A 526 15.05 5.88 12.31
CA GLU A 526 14.74 7.30 12.46
C GLU A 526 13.44 7.61 11.72
N VAL A 527 12.60 8.43 12.36
CA VAL A 527 11.27 8.76 11.85
C VAL A 527 11.18 10.27 11.70
N GLU A 528 10.85 10.73 10.50
CA GLU A 528 10.60 12.14 10.26
C GLU A 528 9.15 12.45 10.62
N VAL A 529 8.94 13.49 11.41
CA VAL A 529 7.61 13.84 11.91
C VAL A 529 7.36 15.33 11.67
N GLY A 530 6.13 15.65 11.27
CA GLY A 530 5.74 17.03 11.06
C GLY A 530 4.27 17.21 11.34
N ILE A 531 3.90 18.42 11.73
CA ILE A 531 2.54 18.76 12.13
C ILE A 531 2.01 19.85 11.22
N GLY A 532 0.76 19.73 10.80
CA GLY A 532 0.14 20.74 9.97
C GLY A 532 -1.36 20.55 9.95
N GLU A 533 -2.05 21.57 9.41
CA GLU A 533 -3.49 21.50 9.25
C GLU A 533 -3.90 20.58 8.11
N ASP A 534 -3.02 20.35 7.14
CA ASP A 534 -3.30 19.52 5.98
C ASP A 534 -2.17 18.51 5.83
N TRP A 535 -2.31 17.62 4.84
CA TRP A 535 -1.34 16.55 4.65
C TRP A 535 -0.02 17.08 4.12
N LEU A 536 -0.07 18.06 3.20
CA LEU A 536 1.16 18.59 2.63
C LEU A 536 1.97 19.35 3.69
N SER A 537 1.29 20.12 4.54
CA SER A 537 1.99 20.90 5.57
C SER A 537 2.59 20.03 6.66
N ALA A 538 2.07 18.82 6.86
CA ALA A 538 2.60 17.92 7.88
C ALA A 538 3.76 17.08 7.38
N LYS A 539 3.77 16.73 6.10
CA LYS A 539 4.89 15.97 5.55
C LYS A 539 6.15 16.80 5.43
N GLU A 540 6.03 18.12 5.41
CA GLU A 540 7.20 19.00 5.32
C GLU A 540 8.04 18.92 6.59
#